data_8J1Q
#
_entry.id   8J1Q
#
_cell.length_a   1.00
_cell.length_b   1.00
_cell.length_c   1.00
_cell.angle_alpha   90.00
_cell.angle_beta   90.00
_cell.angle_gamma   90.00
#
_symmetry.space_group_name_H-M   'P 1'
#
loop_
_entity.id
_entity.type
_entity.pdbx_description
1 polymer AM032-0
2 polymer AM047-0
3 polymer 'Fab Light chain (REGN10987)'
4 polymer 'Fab heavy chain (REGN10987)'
5 polymer 'Spike protein S1'
6 non-polymer 2-acetamido-2-deoxy-beta-D-glucopyranose
#
loop_
_entity_poly.entity_id
_entity_poly.type
_entity_poly.pdbx_seq_one_letter_code
_entity_poly.pdbx_strand_id
1 'polydeoxyribonucleotide'
;(DT)(DA)(DT)(DC)(DG)(DA)(DG)(DC)(DG)(DT)(DC)(DC)(DT)(DG)(DC)(DC)(DT)(DT)(DT)(DG)
(DC)(DG)(DG)(DA)(DG)(DG)(85Y)(DG)(DA)(DA)(DC)(DC)(85Y)(85Y)(DA)(DC)(DG)(85Y)
(85Y)(DC)(DA)(DA)(DC)(85Y)(DG)(DG)(DA)(85Y)(DC)(DG)(85Y)(DG)(85Y)(DG)(85Y)(DA)
(DG)(DG)(85Y)(DA)(DC)(DA)(DC)(DC)(DG)(DA)(DC)(DA)(DG)(DC)(DC)(DA)(DC)(DC)(DC)
(DA)(DG)(DA)(DA)(DA)
;
E
2 'polydeoxyribonucleotide'
;(DC)(DT)(DG)(85Y)(DC)(DG)(DG)(85Y)(DA)(DA)(DG)(DG)(DG)(DA)(DG)(DC)(85Y)(DA)(DG)
(85Y)(DG)(85Y)(DA)(85Y)(DG)(DC)(DC)(DC)(DC)(85Y)(DG)(DA)(DG)(85Y)(85Y)(DG)(DG)
(DG)(DG)(DA)(85Y)(DA)(85Y)(DC)(DG)(DC)(DC)(DG)(DA)(DC)(DA)(DG)
;
D
3 'polypeptide(L)'
;QSALTQPASVSGSPGQSITISCTGTSSDVGGYNYVSWYQQHPGKAPKLMIYDVSKRPSGVSNRFSGSKSGNTASLTISGL
QSEDEADYYCNSLTSISTWVFGGGTKLTVLGQPKAAPSVTLFPPSSEELQANKATLVCLISDFYPGAVTVAWKADSSPVK
AGVETTTPSKQSNNKYAASSYLSLTPEQWKSHRSYSCQVTHEGSTVEKTVAPTECSHHHHHHHH
;
A
4 'polypeptide(L)'
;QVQLVESGGGVVQPGRSLRLSCAASGFTFSNYAMYWVRQAPGKGLEWVAVISYDGSNKYYADSVKGRFTISRDNSKNTLY
LQMNSLRTEDTAVYYCASGSDYGDYLLVYWGQGTLVTVSSASTKGPSVFPLAPSSKSTSGGTAALGCLVKDYFPEPVTVS
WNSGALTSGVHTFPAVLQSSGLYSLSSVVTVPSSSLGTQTYICNVNHKPSNTKVDKKVEPKSCDKSNSLVPRGSPSRLEE
ELRRRLTE
;
B
5 'polypeptide(L)'
;RVQPTESIVRFPNITNLCPFGEVFNATRFASVYAWNRKRISNCVADYSVLYNSASFSTFKCYGVSPTKLNDLCFTNVYAD
SFVIRGDEVRQIAPGQTGKIADYNYKLPDDFTGCVIAWNSNNLDSKVGGNYNYLYRLFRKSNLKPFERDISTEIYQAGST
PCNGVEGFNCYFPLQSYGFQPTNGVGYQPYRVVVLSFELLHAPATVCGPKKSTNLVKNKCVNFENLYFQGAAAGGSHHHH
HHGGSDYKDDDDK
;
C
#
# COMPACT_ATOMS: atom_id res chain seq x y z
N ALA C 3 0.00 22.33 8.86
CA ALA C 3 1.08 21.92 7.98
C ALA C 3 2.31 21.53 8.78
N LEU C 4 3.42 21.28 8.09
CA LEU C 4 4.68 20.90 8.70
C LEU C 4 5.66 22.07 8.66
N THR C 5 6.69 21.97 9.50
CA THR C 5 7.71 23.00 9.62
C THR C 5 9.03 22.49 9.05
N GLN C 6 9.66 23.30 8.21
CA GLN C 6 10.93 22.97 7.59
C GLN C 6 11.82 24.20 7.57
N PRO C 7 13.14 24.02 7.52
CA PRO C 7 14.03 25.17 7.38
C PRO C 7 13.78 25.90 6.07
N ALA C 8 13.90 27.23 6.11
CA ALA C 8 13.67 28.03 4.91
C ALA C 8 14.68 27.68 3.82
N SER C 9 15.94 27.53 4.18
CA SER C 9 16.98 27.19 3.21
C SER C 9 18.15 26.55 3.94
N VAL C 10 18.81 25.62 3.26
CA VAL C 10 19.98 24.93 3.79
C VAL C 10 21.09 25.01 2.75
N SER C 11 22.30 25.33 3.19
CA SER C 11 23.44 25.48 2.30
C SER C 11 24.58 24.58 2.76
N GLY C 12 25.41 24.18 1.80
CA GLY C 12 26.56 23.34 2.11
C GLY C 12 27.44 23.06 0.90
N SER C 13 28.75 23.06 1.11
CA SER C 13 29.68 22.78 0.03
C SER C 13 29.61 21.31 -0.36
N PRO C 14 30.03 20.98 -1.58
CA PRO C 14 29.97 19.59 -2.02
C PRO C 14 30.93 18.70 -1.23
N GLY C 15 30.53 17.43 -1.07
CA GLY C 15 31.39 16.44 -0.48
C GLY C 15 30.98 15.98 0.90
N GLN C 16 30.56 16.90 1.77
CA GLN C 16 30.23 16.56 3.15
C GLN C 16 28.78 16.09 3.23
N SER C 17 28.28 15.93 4.46
CA SER C 17 26.94 15.45 4.72
C SER C 17 26.04 16.62 5.10
N ILE C 18 24.82 16.64 4.56
CA ILE C 18 23.84 17.68 4.85
C ILE C 18 22.58 17.02 5.38
N THR C 19 22.02 17.59 6.44
CA THR C 19 20.83 17.07 7.09
C THR C 19 19.71 18.09 6.98
N ILE C 20 18.54 17.62 6.54
CA ILE C 20 17.33 18.44 6.47
C ILE C 20 16.27 17.78 7.33
N SER C 21 15.70 18.52 8.27
CA SER C 21 14.77 17.96 9.25
C SER C 21 13.43 18.68 9.18
N CYS C 22 12.35 17.91 9.32
CA CYS C 22 11.00 18.45 9.38
C CYS C 22 10.24 17.80 10.53
N THR C 23 9.44 18.61 11.22
CA THR C 23 8.74 18.20 12.42
C THR C 23 7.25 18.52 12.30
N GLY C 24 6.43 17.73 13.01
CA GLY C 24 5.01 17.94 13.06
C GLY C 24 4.46 17.37 14.36
N THR C 25 3.15 17.50 14.54
CA THR C 25 2.52 16.99 15.75
C THR C 25 2.57 15.46 15.75
N SER C 26 2.05 14.86 16.82
CA SER C 26 2.12 13.41 16.98
C SER C 26 1.34 12.71 15.87
N SER C 27 0.19 13.26 15.48
CA SER C 27 -0.67 12.59 14.51
C SER C 27 0.03 12.44 13.16
N ASP C 28 0.73 13.49 12.70
CA ASP C 28 1.27 13.48 11.35
C ASP C 28 2.37 12.44 11.20
N VAL C 29 3.45 12.57 11.96
CA VAL C 29 4.60 11.69 11.83
C VAL C 29 4.95 11.05 13.17
N GLY C 30 4.58 11.72 14.26
CA GLY C 30 4.94 11.21 15.57
C GLY C 30 4.33 9.85 15.87
N GLY C 31 3.14 9.58 15.32
CA GLY C 31 2.49 8.30 15.54
C GLY C 31 2.48 7.41 14.32
N TYR C 32 2.43 8.03 13.13
CA TYR C 32 2.40 7.32 11.86
C TYR C 32 3.75 7.45 11.19
N ASN C 33 4.38 6.32 10.87
CA ASN C 33 5.67 6.30 10.19
C ASN C 33 5.48 6.07 8.70
N TYR C 34 4.84 7.06 8.05
CA TYR C 34 4.56 7.00 6.62
C TYR C 34 5.16 8.19 5.87
N VAL C 35 6.16 8.86 6.45
CA VAL C 35 6.74 10.01 5.79
C VAL C 35 7.44 9.58 4.51
N SER C 36 7.54 10.52 3.56
CA SER C 36 8.20 10.27 2.29
C SER C 36 8.58 11.61 1.69
N TRP C 37 9.81 11.73 1.22
CA TRP C 37 10.36 13.00 0.77
C TRP C 37 10.45 13.04 -0.75
N TYR C 38 10.18 14.23 -1.30
CA TYR C 38 10.20 14.47 -2.73
C TYR C 38 11.20 15.57 -3.05
N GLN C 39 11.92 15.39 -4.16
CA GLN C 39 12.86 16.36 -4.68
C GLN C 39 12.28 16.93 -5.98
N GLN C 40 12.11 18.25 -6.03
CA GLN C 40 11.56 18.94 -7.18
C GLN C 40 12.62 19.89 -7.71
N HIS C 41 13.09 19.64 -8.92
CA HIS C 41 13.99 20.55 -9.60
C HIS C 41 13.20 21.73 -10.17
N PRO C 42 13.88 22.83 -10.47
CA PRO C 42 13.16 24.00 -11.02
C PRO C 42 12.41 23.63 -12.30
N GLY C 43 11.14 24.00 -12.33
CA GLY C 43 10.31 23.76 -13.50
C GLY C 43 10.24 22.28 -13.89
N LYS C 44 10.02 21.42 -12.90
CA LYS C 44 9.97 19.98 -13.16
C LYS C 44 8.95 19.34 -12.22
N ALA C 45 8.47 18.18 -12.61
CA ALA C 45 7.50 17.45 -11.80
C ALA C 45 8.22 16.81 -10.62
N PRO C 46 7.76 17.05 -9.39
CA PRO C 46 8.41 16.40 -8.24
C PRO C 46 8.35 14.89 -8.37
N LYS C 47 9.42 14.23 -7.96
CA LYS C 47 9.53 12.78 -8.02
C LYS C 47 10.04 12.25 -6.69
N LEU C 48 9.53 11.10 -6.29
CA LEU C 48 9.83 10.56 -4.97
C LEU C 48 11.33 10.32 -4.80
N MET C 49 11.83 10.65 -3.61
CA MET C 49 13.22 10.39 -3.25
C MET C 49 13.35 9.36 -2.14
N ILE C 50 12.64 9.55 -1.02
CA ILE C 50 12.71 8.64 0.12
C ILE C 50 11.35 7.97 0.26
N TYR C 51 11.32 6.67 -0.02
CA TYR C 51 10.09 5.90 0.12
C TYR C 51 9.96 5.49 1.59
N ASP C 52 8.79 5.74 2.17
CA ASP C 52 8.53 5.34 3.55
C ASP C 52 9.46 6.08 4.51
N VAL C 53 9.42 5.70 5.79
CA VAL C 53 10.21 6.40 6.79
C VAL C 53 11.70 6.28 6.49
N SER C 54 12.15 5.09 6.11
CA SER C 54 13.55 4.88 5.77
C SER C 54 13.61 3.80 4.68
N LYS C 55 13.58 4.24 3.43
CA LYS C 55 13.65 3.35 2.27
C LYS C 55 13.80 4.23 1.04
N ARG C 56 14.08 3.60 -0.09
CA ARG C 56 14.34 4.34 -1.32
C ARG C 56 13.85 3.55 -2.52
N PRO C 57 13.09 4.15 -3.42
CA PRO C 57 12.64 3.42 -4.60
C PRO C 57 13.79 3.08 -5.53
N SER C 58 13.61 1.99 -6.28
CA SER C 58 14.65 1.55 -7.20
C SER C 58 14.96 2.64 -8.22
N GLY C 59 16.25 2.85 -8.49
CA GLY C 59 16.70 3.79 -9.49
C GLY C 59 17.20 5.11 -8.94
N VAL C 60 16.92 5.42 -7.68
CA VAL C 60 17.36 6.67 -7.08
C VAL C 60 18.78 6.51 -6.55
N SER C 61 19.42 7.63 -6.25
CA SER C 61 20.79 7.60 -5.75
C SER C 61 20.84 6.96 -4.37
N ASN C 62 21.96 6.29 -4.10
CA ASN C 62 22.16 5.64 -2.80
C ASN C 62 22.48 6.65 -1.71
N ARG C 63 23.07 7.80 -2.07
CA ARG C 63 23.56 8.73 -1.06
C ARG C 63 22.46 9.18 -0.12
N PHE C 64 21.29 9.51 -0.66
CA PHE C 64 20.17 9.96 0.16
C PHE C 64 19.78 8.87 1.15
N SER C 65 19.48 9.27 2.39
CA SER C 65 19.07 8.32 3.40
C SER C 65 18.09 8.99 4.35
N GLY C 66 16.93 8.36 4.54
CA GLY C 66 15.93 8.87 5.47
C GLY C 66 16.05 8.25 6.85
N SER C 67 15.63 9.02 7.85
CA SER C 67 15.65 8.55 9.22
C SER C 67 14.57 9.27 10.01
N LYS C 68 14.19 8.68 11.14
CA LYS C 68 13.17 9.24 12.02
C LYS C 68 13.69 9.26 13.44
N SER C 69 13.60 10.42 14.09
CA SER C 69 13.97 10.59 15.50
C SER C 69 12.73 11.06 16.23
N GLY C 70 12.01 10.11 16.84
CA GLY C 70 10.82 10.45 17.59
C GLY C 70 9.79 11.16 16.75
N ASN C 71 9.61 12.45 17.01
CA ASN C 71 8.60 13.25 16.31
C ASN C 71 9.12 13.90 15.04
N THR C 72 10.43 13.86 14.79
CA THR C 72 11.04 14.53 13.66
C THR C 72 11.48 13.51 12.61
N ALA C 73 11.49 13.94 11.34
CA ALA C 73 11.97 13.12 10.25
C ALA C 73 13.06 13.87 9.50
N SER C 74 14.16 13.18 9.19
CA SER C 74 15.34 13.82 8.64
C SER C 74 15.82 13.09 7.40
N LEU C 75 16.41 13.85 6.49
CA LEU C 75 17.07 13.34 5.30
C LEU C 75 18.54 13.72 5.34
N THR C 76 19.40 12.72 5.12
CA THR C 76 20.84 12.91 5.12
C THR C 76 21.36 12.67 3.71
N ILE C 77 22.13 13.63 3.19
CA ILE C 77 22.71 13.54 1.86
C ILE C 77 24.23 13.51 2.04
N SER C 78 24.87 12.48 1.51
CA SER C 78 26.30 12.29 1.62
C SER C 78 26.97 12.61 0.29
N GLY C 79 27.97 13.48 0.33
CA GLY C 79 28.70 13.82 -0.88
C GLY C 79 27.85 14.42 -1.96
N LEU C 80 26.96 15.34 -1.60
CA LEU C 80 26.05 15.94 -2.57
C LEU C 80 26.83 16.73 -3.63
N GLN C 81 26.34 16.67 -4.87
CA GLN C 81 26.93 17.40 -5.98
C GLN C 81 26.11 18.64 -6.30
N SER C 82 26.62 19.44 -7.24
CA SER C 82 25.93 20.64 -7.65
C SER C 82 24.57 20.32 -8.27
N GLU C 83 24.45 19.19 -8.95
CA GLU C 83 23.20 18.83 -9.61
C GLU C 83 22.09 18.48 -8.63
N ASP C 84 22.40 18.34 -7.34
CA ASP C 84 21.39 18.10 -6.32
C ASP C 84 20.73 19.38 -5.82
N GLU C 85 20.96 20.50 -6.50
CA GLU C 85 20.35 21.77 -6.11
C GLU C 85 18.89 21.76 -6.57
N ALA C 86 17.97 21.77 -5.61
CA ALA C 86 16.54 21.67 -5.91
C ALA C 86 15.77 21.86 -4.61
N ASP C 87 14.46 21.88 -4.72
CA ASP C 87 13.59 21.96 -3.54
C ASP C 87 13.32 20.56 -3.01
N TYR C 88 13.16 20.45 -1.69
CA TYR C 88 12.86 19.19 -1.04
C TYR C 88 11.70 19.36 -0.08
N TYR C 89 10.73 18.46 -0.17
CA TYR C 89 9.53 18.48 0.66
C TYR C 89 9.41 17.16 1.40
N CYS C 90 9.00 17.21 2.66
CA CYS C 90 8.74 15.99 3.44
C CYS C 90 7.24 15.82 3.57
N ASN C 91 6.74 14.67 3.13
CA ASN C 91 5.32 14.35 3.17
C ASN C 91 5.00 13.52 4.40
N SER C 92 3.69 13.37 4.65
CA SER C 92 3.24 12.61 5.80
C SER C 92 1.74 12.32 5.71
N LEU C 93 1.35 11.09 5.99
CA LEU C 93 -0.06 10.71 6.04
C LEU C 93 -0.55 10.84 7.46
N THR C 94 -1.49 11.76 7.68
CA THR C 94 -2.07 11.99 9.00
C THR C 94 -3.38 11.21 9.12
N SER C 95 -4.01 11.32 10.28
CA SER C 95 -5.31 10.71 10.48
C SER C 95 -6.32 11.32 9.51
N ILE C 96 -7.46 10.63 9.39
CA ILE C 96 -8.54 11.00 8.46
C ILE C 96 -7.95 11.61 7.20
N SER C 97 -7.09 10.85 6.51
CA SER C 97 -6.45 11.28 5.26
C SER C 97 -5.69 12.56 5.54
N THR C 98 -5.98 13.68 4.87
CA THR C 98 -5.33 14.97 5.14
C THR C 98 -3.81 14.85 4.94
N TRP C 99 -3.43 14.66 3.68
CA TRP C 99 -2.02 14.52 3.31
C TRP C 99 -1.33 15.87 3.46
N VAL C 100 -0.70 16.08 4.60
CA VAL C 100 0.08 17.31 4.80
C VAL C 100 1.37 17.24 3.98
N PHE C 101 1.99 18.40 3.80
CA PHE C 101 3.21 18.52 3.02
C PHE C 101 4.25 19.31 3.82
N GLY C 102 5.52 19.08 3.47
CA GLY C 102 6.60 19.64 4.27
C GLY C 102 6.63 21.15 4.25
N GLY C 103 6.44 21.74 3.07
CA GLY C 103 6.60 23.17 2.91
C GLY C 103 7.62 23.53 1.85
N GLY C 104 8.76 24.08 2.27
CA GLY C 104 9.81 24.42 1.33
C GLY C 104 11.20 24.32 1.93
N THR C 105 12.14 23.79 1.15
CA THR C 105 13.53 23.67 1.60
C THR C 105 14.43 23.59 0.36
N LYS C 106 15.34 24.54 0.24
CA LYS C 106 16.23 24.64 -0.91
C LYS C 106 17.67 24.36 -0.50
N LEU C 107 18.36 23.56 -1.31
CA LEU C 107 19.79 23.29 -1.12
C LEU C 107 20.59 24.02 -2.17
N THR C 108 21.69 24.63 -1.75
CA THR C 108 22.58 25.36 -2.64
C THR C 108 24.01 24.89 -2.41
N VAL C 109 24.82 25.02 -3.46
CA VAL C 109 26.23 24.62 -3.43
C VAL C 109 27.08 25.88 -3.55
N LEU C 110 28.11 25.96 -2.72
CA LEU C 110 28.97 27.15 -2.66
C LEU C 110 29.87 27.15 -3.90
N GLY C 111 29.28 27.55 -5.02
CA GLY C 111 29.99 27.61 -6.28
C GLY C 111 30.67 28.95 -6.50
N GLN D 1 8.17 2.53 -18.96
CA GLN D 1 7.80 3.88 -18.48
C GLN D 1 6.29 4.08 -18.44
N VAL D 2 5.85 5.04 -17.65
CA VAL D 2 4.43 5.32 -17.45
C VAL D 2 4.18 6.80 -17.73
N GLN D 3 3.18 7.08 -18.54
CA GLN D 3 2.82 8.44 -18.95
C GLN D 3 1.56 8.89 -18.25
N LEU D 4 1.51 10.19 -17.95
CA LEU D 4 0.31 10.83 -17.42
C LEU D 4 0.22 12.22 -18.01
N VAL D 5 -0.84 12.48 -18.78
CA VAL D 5 -1.00 13.72 -19.53
C VAL D 5 -2.25 14.43 -19.02
N GLU D 6 -2.12 15.71 -18.70
CA GLU D 6 -3.22 16.52 -18.23
C GLU D 6 -3.80 17.34 -19.38
N SER D 7 -5.13 17.36 -19.48
CA SER D 7 -5.78 18.13 -20.55
C SER D 7 -5.46 19.61 -20.42
N GLY D 8 -5.52 20.14 -19.20
CA GLY D 8 -5.18 21.53 -18.97
C GLY D 8 -6.36 22.47 -19.18
N GLY D 9 -6.08 23.75 -18.98
CA GLY D 9 -7.07 24.79 -19.14
C GLY D 9 -6.48 26.18 -19.08
N GLY D 10 -6.93 27.06 -19.97
CA GLY D 10 -6.42 28.41 -20.01
C GLY D 10 -6.99 29.28 -18.91
N VAL D 11 -6.62 30.56 -18.95
CA VAL D 11 -7.12 31.51 -17.97
C VAL D 11 -8.64 31.54 -18.02
N VAL D 12 -9.27 31.48 -16.85
CA VAL D 12 -10.71 31.50 -16.74
C VAL D 12 -11.11 32.57 -15.72
N GLN D 13 -12.34 33.06 -15.86
CA GLN D 13 -12.84 34.08 -14.95
C GLN D 13 -13.10 33.46 -13.58
N PRO D 14 -13.00 34.26 -12.51
CA PRO D 14 -13.31 33.73 -11.18
C PRO D 14 -14.75 33.25 -11.10
N GLY D 15 -14.96 32.19 -10.33
CA GLY D 15 -16.29 31.63 -10.18
C GLY D 15 -16.87 31.03 -11.44
N ARG D 16 -16.06 30.27 -12.19
CA ARG D 16 -16.52 29.61 -13.40
C ARG D 16 -16.05 28.16 -13.40
N SER D 17 -16.84 27.30 -14.03
CA SER D 17 -16.55 25.87 -14.03
C SER D 17 -15.31 25.58 -14.87
N LEU D 18 -14.68 24.43 -14.58
CA LEU D 18 -13.52 24.00 -15.34
C LEU D 18 -13.24 22.52 -15.11
N ARG D 19 -13.10 21.75 -16.19
CA ARG D 19 -12.88 20.30 -16.10
C ARG D 19 -11.46 19.98 -16.52
N LEU D 20 -10.73 19.28 -15.66
CA LEU D 20 -9.38 18.83 -15.94
C LEU D 20 -9.36 17.31 -16.03
N SER D 21 -8.69 16.79 -17.05
CA SER D 21 -8.65 15.35 -17.29
C SER D 21 -7.20 14.88 -17.29
N CYS D 22 -6.92 13.83 -16.53
CA CYS D 22 -5.61 13.19 -16.49
C CYS D 22 -5.74 11.81 -17.13
N ALA D 23 -5.01 11.59 -18.22
CA ALA D 23 -4.99 10.31 -18.91
C ALA D 23 -3.69 9.59 -18.61
N ALA D 24 -3.80 8.35 -18.15
CA ALA D 24 -2.65 7.56 -17.73
C ALA D 24 -2.53 6.32 -18.59
N SER D 25 -1.29 5.83 -18.72
CA SER D 25 -1.02 4.65 -19.51
C SER D 25 0.28 4.03 -19.04
N GLY D 26 0.50 2.78 -19.43
CA GLY D 26 1.70 2.06 -19.06
C GLY D 26 1.61 1.28 -17.76
N PHE D 27 0.49 1.38 -17.04
CA PHE D 27 0.30 0.62 -15.81
C PHE D 27 -1.20 0.49 -15.58
N THR D 28 -1.55 -0.43 -14.68
CA THR D 28 -2.95 -0.72 -14.41
C THR D 28 -3.54 0.42 -13.60
N PHE D 29 -4.42 1.20 -14.23
CA PHE D 29 -5.04 2.34 -13.56
C PHE D 29 -6.02 1.89 -12.48
N SER D 30 -6.84 0.87 -12.78
CA SER D 30 -7.99 0.52 -11.97
C SER D 30 -7.63 -0.21 -10.67
N ASN D 31 -6.36 -0.24 -10.28
CA ASN D 31 -5.95 -0.88 -9.04
C ASN D 31 -5.19 0.06 -8.10
N TYR D 32 -5.18 1.36 -8.38
CA TYR D 32 -4.48 2.32 -7.54
C TYR D 32 -5.30 3.60 -7.45
N ALA D 33 -5.01 4.38 -6.41
CA ALA D 33 -5.75 5.61 -6.12
C ALA D 33 -4.96 6.81 -6.63
N MET D 34 -5.58 7.60 -7.51
CA MET D 34 -4.96 8.81 -8.00
C MET D 34 -5.08 9.94 -6.97
N TYR D 35 -4.20 10.92 -7.12
CA TYR D 35 -4.23 12.13 -6.30
C TYR D 35 -4.09 13.34 -7.21
N TRP D 36 -4.75 14.43 -6.84
CA TRP D 36 -4.57 15.73 -7.47
C TRP D 36 -3.89 16.64 -6.46
N VAL D 37 -2.74 17.20 -6.83
CA VAL D 37 -1.95 18.04 -5.94
C VAL D 37 -1.67 19.36 -6.66
N ARG D 38 -1.95 20.47 -5.99
CA ARG D 38 -1.73 21.79 -6.57
C ARG D 38 -0.43 22.40 -6.04
N GLN D 39 0.12 23.31 -6.84
CA GLN D 39 1.31 24.08 -6.44
C GLN D 39 1.15 25.49 -6.96
N ALA D 40 1.04 26.46 -6.04
CA ALA D 40 0.96 27.84 -6.45
C ALA D 40 2.30 28.30 -7.02
N PRO D 41 2.30 29.29 -7.90
CA PRO D 41 3.56 29.73 -8.51
C PRO D 41 4.54 30.25 -7.46
N GLY D 42 5.66 29.55 -7.33
CA GLY D 42 6.69 29.92 -6.39
C GLY D 42 6.48 29.47 -4.97
N LYS D 43 5.43 28.73 -4.69
CA LYS D 43 5.12 28.23 -3.35
C LYS D 43 5.31 26.72 -3.28
N GLY D 44 5.13 26.18 -2.08
CA GLY D 44 5.27 24.76 -1.87
C GLY D 44 4.05 23.98 -2.31
N LEU D 45 4.17 22.66 -2.24
CA LEU D 45 3.08 21.78 -2.64
C LEU D 45 1.96 21.81 -1.60
N GLU D 46 0.78 21.34 -2.02
CA GLU D 46 -0.37 21.24 -1.13
C GLU D 46 -1.34 20.23 -1.72
N TRP D 47 -1.59 19.16 -0.98
CA TRP D 47 -2.52 18.13 -1.44
C TRP D 47 -3.91 18.73 -1.64
N VAL D 48 -4.56 18.36 -2.74
CA VAL D 48 -5.88 18.86 -3.09
C VAL D 48 -6.95 17.79 -2.93
N ALA D 49 -6.80 16.66 -3.62
CA ALA D 49 -7.85 15.65 -3.60
C ALA D 49 -7.26 14.27 -3.82
N VAL D 50 -8.02 13.25 -3.40
CA VAL D 50 -7.66 11.86 -3.64
C VAL D 50 -8.94 11.06 -3.83
N ILE D 51 -8.86 10.04 -4.68
CA ILE D 51 -9.99 9.17 -4.99
C ILE D 51 -9.55 7.73 -4.85
N SER D 52 -10.42 6.89 -4.29
CA SER D 52 -10.09 5.49 -4.06
C SER D 52 -9.88 4.76 -5.38
N TYR D 53 -9.45 3.50 -5.31
CA TYR D 53 -9.15 2.74 -6.51
C TYR D 53 -10.38 2.41 -7.34
N ASP D 54 -11.58 2.62 -6.80
CA ASP D 54 -12.82 2.35 -7.54
C ASP D 54 -13.80 3.51 -7.49
N GLY D 55 -13.42 4.65 -6.91
CA GLY D 55 -14.29 5.80 -6.84
C GLY D 55 -15.32 5.77 -5.73
N SER D 56 -15.33 4.72 -4.91
CA SER D 56 -16.30 4.64 -3.84
C SER D 56 -16.10 5.75 -2.82
N ASN D 57 -14.84 6.03 -2.46
CA ASN D 57 -14.51 6.97 -1.40
C ASN D 57 -13.59 8.04 -1.93
N LYS D 58 -13.91 9.31 -1.66
CA LYS D 58 -13.15 10.45 -2.12
C LYS D 58 -12.86 11.38 -0.95
N TYR D 59 -11.66 11.95 -0.92
CA TYR D 59 -11.26 12.90 0.11
C TYR D 59 -10.78 14.19 -0.54
N TYR D 60 -11.09 15.31 0.10
CA TYR D 60 -10.70 16.63 -0.36
C TYR D 60 -10.01 17.38 0.76
N ALA D 61 -9.09 18.27 0.38
CA ALA D 61 -8.49 19.17 1.35
C ALA D 61 -9.53 20.16 1.86
N ASP D 62 -9.38 20.56 3.13
CA ASP D 62 -10.36 21.45 3.74
C ASP D 62 -10.50 22.75 2.94
N SER D 63 -9.43 23.19 2.29
CA SER D 63 -9.50 24.44 1.54
C SER D 63 -10.45 24.34 0.34
N VAL D 64 -10.59 23.15 -0.24
CA VAL D 64 -11.41 22.95 -1.43
C VAL D 64 -12.66 22.14 -1.13
N LYS D 65 -12.99 21.94 0.15
CA LYS D 65 -14.17 21.16 0.49
C LYS D 65 -15.43 21.85 0.00
N GLY D 66 -16.32 21.08 -0.61
CA GLY D 66 -17.60 21.58 -1.07
C GLY D 66 -17.56 22.37 -2.35
N ARG D 67 -16.43 22.42 -3.04
CA ARG D 67 -16.30 23.16 -4.29
C ARG D 67 -15.78 22.31 -5.44
N PHE D 68 -14.86 21.40 -5.16
CA PHE D 68 -14.29 20.53 -6.19
C PHE D 68 -15.03 19.20 -6.22
N THR D 69 -14.79 18.43 -7.28
CA THR D 69 -15.37 17.10 -7.39
C THR D 69 -14.42 16.22 -8.21
N ILE D 70 -13.85 15.21 -7.57
CA ILE D 70 -12.88 14.33 -8.22
C ILE D 70 -13.58 13.01 -8.52
N SER D 71 -13.50 12.57 -9.78
CA SER D 71 -14.08 11.30 -10.22
C SER D 71 -13.10 10.62 -11.16
N ARG D 72 -13.46 9.44 -11.62
CA ARG D 72 -12.60 8.71 -12.54
C ARG D 72 -13.44 7.68 -13.30
N ASP D 73 -12.95 7.30 -14.47
CA ASP D 73 -13.55 6.23 -15.26
C ASP D 73 -12.46 5.28 -15.72
N ASN D 74 -12.68 3.99 -15.49
CA ASN D 74 -11.72 2.97 -15.89
C ASN D 74 -12.02 2.41 -17.27
N SER D 75 -13.20 2.70 -17.85
CA SER D 75 -13.52 2.20 -19.17
C SER D 75 -12.55 2.75 -20.21
N LYS D 76 -12.25 4.05 -20.15
CA LYS D 76 -11.31 4.70 -21.04
C LYS D 76 -10.01 5.08 -20.34
N ASN D 77 -9.82 4.67 -19.09
CA ASN D 77 -8.56 4.90 -18.38
C ASN D 77 -8.26 6.39 -18.21
N THR D 78 -9.15 7.08 -17.47
CA THR D 78 -9.00 8.51 -17.29
C THR D 78 -9.50 8.91 -15.91
N LEU D 79 -9.01 10.07 -15.44
CA LEU D 79 -9.39 10.66 -14.17
C LEU D 79 -9.84 12.10 -14.43
N TYR D 80 -10.86 12.55 -13.71
CA TYR D 80 -11.46 13.86 -13.91
C TYR D 80 -11.50 14.64 -12.61
N LEU D 81 -11.26 15.94 -12.70
CA LEU D 81 -11.50 16.87 -11.59
C LEU D 81 -12.31 18.04 -12.11
N GLN D 82 -13.47 18.27 -11.50
CA GLN D 82 -14.36 19.37 -11.85
C GLN D 82 -14.23 20.46 -10.80
N MET D 83 -13.96 21.68 -11.26
CA MET D 83 -13.79 22.85 -10.41
C MET D 83 -14.98 23.77 -10.59
N ASN D 84 -15.62 24.14 -9.48
CA ASN D 84 -16.74 25.06 -9.50
C ASN D 84 -16.52 26.15 -8.46
N SER D 85 -16.98 27.36 -8.79
CA SER D 85 -16.83 28.53 -7.92
C SER D 85 -15.35 28.79 -7.65
N LEU D 86 -14.63 29.11 -8.71
CA LEU D 86 -13.20 29.34 -8.61
C LEU D 86 -12.90 30.62 -7.84
N ARG D 87 -11.68 30.71 -7.33
CA ARG D 87 -11.20 31.87 -6.60
C ARG D 87 -9.84 32.28 -7.15
N THR D 88 -9.54 33.58 -7.02
CA THR D 88 -8.29 34.11 -7.58
C THR D 88 -7.07 33.41 -6.97
N GLU D 89 -7.13 33.10 -5.68
CA GLU D 89 -6.00 32.46 -5.02
C GLU D 89 -5.78 31.02 -5.47
N ASP D 90 -6.72 30.43 -6.21
CA ASP D 90 -6.64 29.04 -6.61
C ASP D 90 -5.68 28.80 -7.77
N THR D 91 -5.21 29.85 -8.43
CA THR D 91 -4.30 29.67 -9.56
C THR D 91 -3.08 28.85 -9.13
N ALA D 92 -2.74 27.85 -9.94
CA ALA D 92 -1.66 26.94 -9.59
C ALA D 92 -1.45 25.95 -10.72
N VAL D 93 -0.39 25.14 -10.59
CA VAL D 93 -0.14 24.02 -11.48
C VAL D 93 -0.59 22.75 -10.77
N TYR D 94 -1.33 21.91 -11.49
CA TYR D 94 -1.94 20.70 -10.93
C TYR D 94 -1.21 19.47 -11.44
N TYR D 95 -0.87 18.58 -10.53
CA TYR D 95 -0.20 17.31 -10.83
C TYR D 95 -1.13 16.16 -10.49
N CYS D 96 -1.13 15.16 -11.36
CA CYS D 96 -1.99 13.98 -11.25
C CYS D 96 -1.10 12.80 -10.85
N ALA D 97 -0.94 12.60 -9.55
CA ALA D 97 -0.11 11.54 -9.02
C ALA D 97 -0.87 10.22 -8.99
N SER D 98 -0.12 9.12 -8.94
CA SER D 98 -0.67 7.78 -9.11
C SER D 98 -0.70 6.95 -7.84
N GLY D 99 0.41 6.91 -7.09
CA GLY D 99 0.49 6.00 -5.97
C GLY D 99 0.60 4.57 -6.44
N SER D 100 1.74 4.22 -7.04
CA SER D 100 1.91 2.95 -7.73
C SER D 100 2.18 1.84 -6.72
N ASP D 101 2.66 0.69 -7.23
CA ASP D 101 2.88 -0.48 -6.40
C ASP D 101 3.78 -0.12 -5.22
N TYR D 102 3.74 -0.99 -4.21
CA TYR D 102 4.50 -0.89 -2.96
C TYR D 102 4.22 0.40 -2.19
N GLY D 103 3.23 1.18 -2.62
CA GLY D 103 2.74 2.28 -1.80
C GLY D 103 1.51 2.93 -2.40
N ASP D 104 0.44 3.07 -1.61
CA ASP D 104 -0.77 3.75 -2.03
C ASP D 104 -1.10 4.96 -1.18
N TYR D 105 -0.62 4.99 0.07
CA TYR D 105 -0.73 6.18 0.90
C TYR D 105 0.21 7.29 0.45
N LEU D 106 1.10 7.02 -0.49
CA LEU D 106 2.09 7.97 -0.94
C LEU D 106 1.96 8.21 -2.44
N LEU D 107 2.44 9.37 -2.88
CA LEU D 107 2.41 9.76 -4.28
C LEU D 107 3.74 9.41 -4.93
N VAL D 108 3.69 8.82 -6.13
CA VAL D 108 4.89 8.28 -6.75
C VAL D 108 5.15 8.90 -8.12
N TYR D 109 4.24 8.69 -9.06
CA TYR D 109 4.57 8.93 -10.47
C TYR D 109 4.63 10.42 -10.80
N TRP D 110 3.64 11.20 -10.35
CA TRP D 110 3.69 12.66 -10.49
C TRP D 110 3.83 13.08 -11.95
N GLY D 111 2.79 12.77 -12.72
CA GLY D 111 2.78 13.15 -14.12
C GLY D 111 3.08 14.62 -14.34
N GLN D 112 3.26 15.03 -15.60
CA GLN D 112 3.78 16.37 -15.88
C GLN D 112 2.93 17.44 -15.22
N GLY D 113 1.61 17.31 -15.26
CA GLY D 113 0.74 18.29 -14.66
C GLY D 113 0.55 19.52 -15.52
N THR D 114 -0.64 20.12 -15.45
CA THR D 114 -0.98 21.29 -16.25
C THR D 114 -0.97 22.54 -15.39
N LEU D 115 -1.36 23.67 -15.99
CA LEU D 115 -1.41 24.95 -15.31
C LEU D 115 -2.81 25.54 -15.44
N VAL D 116 -3.30 26.15 -14.36
CA VAL D 116 -4.60 26.80 -14.34
C VAL D 116 -4.42 28.17 -13.71
N THR D 117 -4.85 29.21 -14.43
CA THR D 117 -4.76 30.59 -13.98
C THR D 117 -6.17 31.14 -13.80
N VAL D 118 -6.41 31.76 -12.65
CA VAL D 118 -7.71 32.32 -12.31
C VAL D 118 -7.50 33.82 -12.12
N SER D 119 -7.70 34.59 -13.20
CA SER D 119 -7.57 36.03 -13.16
C SER D 119 -8.70 36.66 -13.96
N SER D 120 -9.21 37.77 -13.43
CA SER D 120 -10.31 38.49 -14.09
C SER D 120 -9.74 39.49 -15.08
N ALA D 121 -9.21 38.95 -16.18
CA ALA D 121 -8.64 39.78 -17.24
C ALA D 121 -8.63 38.96 -18.52
N SER D 122 -8.48 39.67 -19.63
CA SER D 122 -8.43 39.03 -20.95
C SER D 122 -7.00 38.96 -21.47
N THR E 15 18.49 -30.24 -8.58
CA THR E 15 17.38 -30.72 -9.39
C THR E 15 16.24 -29.70 -9.40
N ASN E 16 16.49 -28.55 -10.01
CA ASN E 16 15.49 -27.49 -10.14
C ASN E 16 15.16 -26.91 -8.77
N LEU E 17 14.81 -25.63 -8.73
CA LEU E 17 14.46 -24.95 -7.49
C LEU E 17 12.94 -24.85 -7.38
N CYS E 18 12.43 -25.04 -6.16
CA CYS E 18 10.99 -25.04 -5.97
C CYS E 18 10.42 -23.68 -6.39
N PRO E 19 9.26 -23.67 -7.05
CA PRO E 19 8.70 -22.39 -7.51
C PRO E 19 8.12 -21.57 -6.35
N PHE E 20 8.95 -21.27 -5.35
CA PHE E 20 8.50 -20.45 -4.24
C PHE E 20 8.26 -19.00 -4.65
N GLY E 21 8.90 -18.56 -5.73
CA GLY E 21 8.61 -17.21 -6.22
C GLY E 21 7.17 -17.08 -6.68
N GLU E 22 6.68 -18.07 -7.41
CA GLU E 22 5.31 -18.02 -7.91
C GLU E 22 4.28 -17.89 -6.79
N VAL E 23 4.64 -18.28 -5.58
CA VAL E 23 3.75 -18.18 -4.43
C VAL E 23 4.01 -16.92 -3.62
N PHE E 24 5.27 -16.68 -3.26
CA PHE E 24 5.61 -15.51 -2.46
C PHE E 24 5.60 -14.22 -3.27
N ASN E 25 6.00 -14.26 -4.53
CA ASN E 25 6.01 -13.09 -5.39
C ASN E 25 4.72 -12.94 -6.17
N ALA E 26 3.69 -13.73 -5.86
CA ALA E 26 2.44 -13.66 -6.60
C ALA E 26 1.86 -12.25 -6.54
N THR E 27 1.28 -11.82 -7.66
CA THR E 27 0.77 -10.45 -7.76
C THR E 27 -0.34 -10.21 -6.75
N ARG E 28 -1.26 -11.16 -6.61
CA ARG E 28 -2.40 -11.02 -5.71
C ARG E 28 -2.64 -12.32 -4.97
N PHE E 29 -2.95 -12.21 -3.68
CA PHE E 29 -3.28 -13.35 -2.85
C PHE E 29 -4.79 -13.48 -2.73
N ALA E 30 -5.27 -14.71 -2.72
CA ALA E 30 -6.71 -14.94 -2.60
C ALA E 30 -7.19 -14.60 -1.20
N SER E 31 -8.49 -14.33 -1.10
CA SER E 31 -9.10 -14.04 0.19
C SER E 31 -9.05 -15.26 1.10
N VAL E 32 -9.09 -15.00 2.41
CA VAL E 32 -8.92 -16.07 3.38
C VAL E 32 -10.00 -17.14 3.21
N TYR E 33 -11.23 -16.71 2.93
CA TYR E 33 -12.32 -17.67 2.77
C TYR E 33 -12.18 -18.51 1.51
N ALA E 34 -11.26 -18.16 0.62
CA ALA E 34 -10.99 -18.91 -0.60
C ALA E 34 -9.49 -19.11 -0.78
N TRP E 35 -8.83 -19.54 0.30
CA TRP E 35 -7.38 -19.70 0.28
C TRP E 35 -6.95 -20.64 -0.84
N ASN E 36 -5.88 -20.27 -1.53
CA ASN E 36 -5.38 -21.09 -2.63
C ASN E 36 -4.67 -22.33 -2.10
N ARG E 37 -4.27 -23.19 -3.02
CA ARG E 37 -3.54 -24.41 -2.68
C ARG E 37 -2.71 -24.82 -3.89
N LYS E 38 -1.40 -24.63 -3.80
CA LYS E 38 -0.48 -24.98 -4.88
C LYS E 38 0.40 -26.13 -4.44
N ARG E 39 0.42 -27.20 -5.24
CA ARG E 39 1.26 -28.36 -4.95
C ARG E 39 2.68 -28.09 -5.41
N ILE E 40 3.65 -28.40 -4.55
CA ILE E 40 5.06 -28.24 -4.84
C ILE E 40 5.73 -29.60 -4.72
N SER E 41 6.40 -30.03 -5.78
CA SER E 41 7.06 -31.33 -5.80
C SER E 41 8.12 -31.33 -6.89
N ASN E 42 9.01 -32.32 -6.82
CA ASN E 42 10.07 -32.48 -7.80
C ASN E 42 10.94 -31.22 -7.86
N CYS E 43 11.45 -30.82 -6.70
CA CYS E 43 12.30 -29.64 -6.60
C CYS E 43 13.12 -29.76 -5.33
N VAL E 44 13.90 -28.72 -5.02
CA VAL E 44 14.70 -28.64 -3.81
C VAL E 44 14.31 -27.36 -3.08
N ALA E 45 13.99 -27.48 -1.80
CA ALA E 45 13.52 -26.35 -0.99
C ALA E 45 14.74 -25.61 -0.47
N ASP E 46 15.05 -24.47 -1.07
CA ASP E 46 16.16 -23.62 -0.65
C ASP E 46 15.56 -22.44 0.11
N TYR E 47 15.33 -22.64 1.40
CA TYR E 47 14.74 -21.60 2.24
C TYR E 47 15.68 -20.41 2.45
N SER E 48 16.95 -20.54 2.08
CA SER E 48 17.87 -19.41 2.23
C SER E 48 17.41 -18.21 1.42
N VAL E 49 17.00 -18.43 0.17
CA VAL E 49 16.57 -17.33 -0.68
C VAL E 49 15.25 -16.73 -0.21
N LEU E 50 14.49 -17.47 0.60
CA LEU E 50 13.17 -16.98 1.00
C LEU E 50 13.26 -15.66 1.75
N TYR E 51 14.34 -15.45 2.50
CA TYR E 51 14.49 -14.21 3.25
C TYR E 51 14.77 -13.06 2.28
N ASN E 52 14.96 -11.87 2.85
CA ASN E 52 15.16 -10.65 2.07
C ASN E 52 13.97 -10.35 1.18
N SER E 53 12.79 -10.78 1.61
CA SER E 53 11.52 -10.54 0.90
C SER E 53 10.54 -10.00 1.93
N ALA E 54 10.55 -8.68 2.11
CA ALA E 54 9.71 -8.03 3.12
C ALA E 54 10.09 -8.47 4.51
N SER E 55 9.68 -7.71 5.53
CA SER E 55 10.00 -8.03 6.91
C SER E 55 9.01 -9.08 7.41
N PHE E 56 9.46 -10.33 7.46
CA PHE E 56 8.59 -11.41 7.91
C PHE E 56 8.14 -11.18 9.35
N SER E 57 6.89 -11.52 9.63
CA SER E 57 6.33 -11.33 10.96
C SER E 57 6.26 -12.61 11.79
N THR E 58 6.30 -13.79 11.16
CA THR E 58 6.23 -15.04 11.89
C THR E 58 6.74 -16.18 11.01
N PHE E 59 7.63 -17.00 11.58
CA PHE E 59 8.07 -18.23 10.93
C PHE E 59 8.33 -19.24 12.06
N LYS E 60 7.30 -20.02 12.38
CA LYS E 60 7.34 -20.99 13.46
C LYS E 60 6.85 -22.32 12.94
N CYS E 61 7.56 -23.41 13.27
CA CYS E 61 7.23 -24.72 12.74
C CYS E 61 6.97 -25.73 13.85
N TYR E 62 5.95 -26.55 13.63
CA TYR E 62 5.56 -27.64 14.52
C TYR E 62 5.84 -28.97 13.84
N GLY E 63 6.21 -29.96 14.65
CA GLY E 63 6.36 -31.32 14.15
C GLY E 63 7.64 -31.58 13.39
N VAL E 64 8.50 -30.58 13.23
CA VAL E 64 9.78 -30.76 12.56
C VAL E 64 10.71 -29.65 13.01
N SER E 65 11.94 -30.01 13.37
CA SER E 65 12.91 -29.02 13.82
C SER E 65 13.44 -28.25 12.62
N PRO E 66 13.25 -26.92 12.56
CA PRO E 66 13.73 -26.19 11.38
C PRO E 66 15.22 -26.33 11.13
N THR E 67 16.02 -26.47 12.19
CA THR E 67 17.47 -26.51 12.01
C THR E 67 17.91 -27.63 11.08
N LYS E 68 17.16 -28.73 11.05
CA LYS E 68 17.50 -29.88 10.21
C LYS E 68 16.63 -29.96 8.96
N LEU E 69 15.92 -28.88 8.62
CA LEU E 69 14.94 -28.94 7.54
C LEU E 69 15.57 -29.38 6.22
N ASN E 70 16.87 -29.15 6.05
CA ASN E 70 17.54 -29.47 4.80
C ASN E 70 18.05 -30.91 4.74
N ASP E 71 17.78 -31.73 5.76
CA ASP E 71 18.19 -33.13 5.75
C ASP E 71 17.00 -34.10 5.74
N LEU E 72 15.83 -33.66 5.25
CA LEU E 72 14.71 -34.57 5.09
C LEU E 72 13.74 -33.99 4.08
N CYS E 73 13.03 -34.86 3.37
CA CYS E 73 11.95 -34.46 2.49
C CYS E 73 10.87 -35.53 2.43
N PHE E 74 9.78 -35.18 1.78
CA PHE E 74 8.49 -35.78 2.01
C PHE E 74 7.88 -36.18 0.67
N THR E 75 6.72 -36.84 0.74
CA THR E 75 6.01 -37.19 -0.47
C THR E 75 5.61 -35.95 -1.24
N ASN E 76 5.17 -34.91 -0.55
CA ASN E 76 4.80 -33.65 -1.20
C ASN E 76 4.59 -32.59 -0.13
N VAL E 77 4.36 -31.36 -0.57
CA VAL E 77 4.05 -30.24 0.31
C VAL E 77 2.98 -29.38 -0.37
N TYR E 78 1.99 -28.97 0.41
CA TYR E 78 0.92 -28.11 -0.06
C TYR E 78 1.12 -26.70 0.45
N ALA E 79 1.13 -25.73 -0.45
CA ALA E 79 1.32 -24.32 -0.12
C ALA E 79 -0.01 -23.60 -0.25
N ASP E 80 -0.58 -23.19 0.89
CA ASP E 80 -1.85 -22.47 0.92
C ASP E 80 -1.56 -21.01 1.27
N SER E 81 -1.97 -20.09 0.39
CA SER E 81 -1.69 -18.67 0.56
C SER E 81 -2.99 -17.90 0.77
N PHE E 82 -2.94 -16.91 1.64
CA PHE E 82 -4.09 -16.04 1.88
C PHE E 82 -3.60 -14.79 2.61
N VAL E 83 -4.55 -13.95 3.04
CA VAL E 83 -4.26 -12.69 3.70
C VAL E 83 -5.16 -12.56 4.91
N ILE E 84 -4.62 -12.07 6.02
CA ILE E 84 -5.38 -11.87 7.25
C ILE E 84 -4.74 -10.73 8.05
N ARG E 85 -5.53 -10.13 8.93
CA ARG E 85 -5.01 -9.04 9.74
C ARG E 85 -4.11 -9.57 10.85
N GLY E 86 -3.20 -8.71 11.30
CA GLY E 86 -2.13 -9.16 12.19
C GLY E 86 -2.65 -9.80 13.46
N ASP E 87 -3.57 -9.11 14.14
CA ASP E 87 -4.15 -9.66 15.37
C ASP E 87 -4.81 -11.02 15.12
N GLU E 88 -5.06 -11.37 13.86
CA GLU E 88 -5.71 -12.61 13.49
C GLU E 88 -4.73 -13.71 13.14
N VAL E 89 -3.48 -13.35 12.81
CA VAL E 89 -2.51 -14.34 12.34
C VAL E 89 -2.24 -15.38 13.42
N ARG E 90 -2.34 -14.99 14.69
CA ARG E 90 -2.08 -15.95 15.76
C ARG E 90 -3.07 -17.10 15.77
N GLN E 91 -4.20 -16.97 15.07
CA GLN E 91 -5.18 -18.03 15.00
C GLN E 91 -4.81 -19.12 14.00
N ILE E 92 -3.76 -18.93 13.21
CA ILE E 92 -3.34 -19.94 12.22
C ILE E 92 -2.34 -20.83 12.95
N ALA E 93 -2.88 -21.84 13.64
CA ALA E 93 -2.05 -22.78 14.38
C ALA E 93 -2.92 -23.93 14.89
N PRO E 94 -2.36 -25.13 15.06
CA PRO E 94 -3.18 -26.25 15.53
C PRO E 94 -3.76 -25.97 16.91
N GLY E 95 -5.01 -26.40 17.10
CA GLY E 95 -5.67 -26.26 18.38
C GLY E 95 -6.11 -24.86 18.74
N GLN E 96 -6.00 -23.91 17.81
CA GLN E 96 -6.40 -22.55 18.09
C GLN E 96 -7.90 -22.36 17.84
N THR E 97 -8.44 -21.28 18.39
CA THR E 97 -9.84 -20.95 18.25
C THR E 97 -10.00 -19.49 17.85
N GLY E 98 -11.04 -19.22 17.10
CA GLY E 98 -11.30 -17.88 16.60
C GLY E 98 -12.06 -17.95 15.29
N LYS E 99 -12.46 -16.77 14.81
CA LYS E 99 -13.27 -16.71 13.60
C LYS E 99 -12.60 -17.46 12.46
N ILE E 100 -11.32 -17.19 12.21
CA ILE E 100 -10.61 -17.91 11.17
C ILE E 100 -10.48 -19.39 11.52
N ALA E 101 -10.18 -19.69 12.78
CA ALA E 101 -9.91 -21.07 13.16
C ALA E 101 -11.12 -21.96 12.94
N ASP E 102 -12.34 -21.42 13.07
CA ASP E 102 -13.55 -22.22 12.99
C ASP E 102 -14.37 -21.99 11.73
N TYR E 103 -14.13 -20.92 10.98
CA TYR E 103 -14.98 -20.59 9.84
C TYR E 103 -14.25 -20.52 8.51
N ASN E 104 -12.98 -20.09 8.49
CA ASN E 104 -12.27 -19.85 7.24
C ASN E 104 -11.15 -20.86 7.00
N TYR E 105 -10.22 -20.99 7.94
CA TYR E 105 -9.06 -21.87 7.77
C TYR E 105 -8.82 -22.60 9.08
N LYS E 106 -9.00 -23.92 9.06
CA LYS E 106 -8.81 -24.76 10.23
C LYS E 106 -7.67 -25.74 9.97
N LEU E 107 -6.75 -25.84 10.94
CA LEU E 107 -5.55 -26.65 10.84
C LEU E 107 -5.64 -27.85 11.77
N PRO E 108 -5.27 -29.05 11.32
CA PRO E 108 -5.38 -30.22 12.19
C PRO E 108 -4.42 -30.15 13.37
N ASP E 109 -4.81 -30.78 14.47
CA ASP E 109 -3.98 -30.77 15.67
C ASP E 109 -2.63 -31.45 15.42
N ASP E 110 -2.57 -32.35 14.44
CA ASP E 110 -1.36 -33.11 14.12
C ASP E 110 -0.64 -32.53 12.91
N PHE E 111 -0.66 -31.21 12.77
CA PHE E 111 -0.06 -30.55 11.60
C PHE E 111 1.40 -31.00 11.45
N THR E 112 1.74 -31.50 10.27
CA THR E 112 3.12 -31.80 9.89
C THR E 112 3.51 -30.78 8.83
N GLY E 113 3.97 -29.63 9.27
CA GLY E 113 4.29 -28.51 8.40
C GLY E 113 4.35 -27.24 9.22
N CYS E 114 4.33 -26.11 8.53
CA CYS E 114 4.39 -24.85 9.27
C CYS E 114 4.09 -23.66 8.37
N VAL E 115 3.99 -22.50 9.00
CA VAL E 115 3.44 -21.30 8.40
C VAL E 115 4.52 -20.23 8.28
N ILE E 116 4.26 -19.26 7.41
CA ILE E 116 5.08 -18.07 7.24
C ILE E 116 4.14 -16.89 7.06
N ALA E 117 4.44 -15.78 7.72
CA ALA E 117 3.62 -14.59 7.63
C ALA E 117 4.50 -13.35 7.48
N TRP E 118 4.10 -12.45 6.59
CA TRP E 118 4.85 -11.21 6.41
C TRP E 118 3.89 -10.05 6.11
N ASN E 119 4.25 -8.88 6.61
CA ASN E 119 3.41 -7.69 6.41
C ASN E 119 3.35 -7.30 4.94
N SER E 120 2.17 -6.86 4.52
CA SER E 120 1.95 -6.40 3.14
C SER E 120 1.14 -5.12 3.13
N ASN E 121 1.28 -4.29 4.16
CA ASN E 121 0.53 -3.04 4.23
C ASN E 121 0.87 -2.12 3.06
N ASN E 122 2.16 -2.00 2.76
CA ASN E 122 2.60 -1.12 1.68
C ASN E 122 2.07 -1.55 0.32
N LEU E 123 1.71 -2.82 0.16
CA LEU E 123 1.34 -3.36 -1.14
C LEU E 123 -0.10 -3.84 -1.21
N ASP E 124 -0.79 -3.98 -0.07
CA ASP E 124 -2.11 -4.60 -0.07
C ASP E 124 -3.10 -3.86 0.83
N SER E 125 -2.95 -2.54 0.94
CA SER E 125 -3.87 -1.72 1.74
C SER E 125 -4.23 -0.49 0.92
N LYS E 126 -5.34 -0.58 0.20
CA LYS E 126 -5.79 0.53 -0.63
C LYS E 126 -6.34 1.66 0.24
N VAL E 127 -6.28 2.87 -0.31
CA VAL E 127 -6.82 4.03 0.39
C VAL E 127 -8.34 3.99 0.34
N GLY E 128 -8.98 4.18 1.49
CA GLY E 128 -10.42 4.13 1.59
C GLY E 128 -11.01 2.75 1.79
N GLY E 129 -10.18 1.71 1.85
CA GLY E 129 -10.66 0.36 2.07
C GLY E 129 -10.48 -0.55 0.88
N ASN E 130 -9.80 -1.68 1.09
CA ASN E 130 -9.57 -2.66 0.05
C ASN E 130 -10.65 -3.74 0.17
N TYR E 131 -11.61 -3.72 -0.74
CA TYR E 131 -12.73 -4.65 -0.71
C TYR E 131 -12.47 -5.94 -1.47
N ASN E 132 -11.26 -6.12 -2.02
CA ASN E 132 -10.95 -7.32 -2.77
C ASN E 132 -10.84 -8.56 -1.88
N TYR E 133 -10.72 -8.37 -0.56
CA TYR E 133 -10.53 -9.48 0.37
C TYR E 133 -11.73 -9.59 1.29
N LEU E 134 -12.27 -10.79 1.41
CA LEU E 134 -13.43 -11.06 2.25
C LEU E 134 -13.14 -12.26 3.15
N TYR E 135 -13.73 -12.24 4.34
CA TYR E 135 -13.63 -13.36 5.26
C TYR E 135 -15.02 -13.74 5.74
N ARG E 136 -15.21 -15.03 6.00
CA ARG E 136 -16.52 -15.55 6.41
C ARG E 136 -16.71 -15.27 7.89
N LEU E 137 -17.65 -14.38 8.21
CA LEU E 137 -17.89 -13.98 9.59
C LEU E 137 -18.98 -14.81 10.26
N PHE E 138 -19.80 -15.52 9.50
CA PHE E 138 -20.89 -16.32 10.04
C PHE E 138 -20.88 -17.71 9.40
N ARG E 139 -21.17 -18.72 10.21
CA ARG E 139 -21.26 -20.09 9.71
C ARG E 139 -22.09 -20.91 10.68
N LYS E 140 -22.85 -21.86 10.13
CA LYS E 140 -23.71 -22.68 10.97
C LYS E 140 -22.89 -23.55 11.92
N SER E 141 -21.80 -24.13 11.45
CA SER E 141 -20.97 -25.02 12.25
C SER E 141 -19.50 -24.77 11.95
N ASN E 142 -18.66 -25.25 12.85
CA ASN E 142 -17.22 -25.05 12.70
C ASN E 142 -16.72 -25.74 11.43
N LEU E 143 -15.46 -25.47 11.09
CA LEU E 143 -14.84 -25.99 9.88
C LEU E 143 -13.96 -27.18 10.23
N LYS E 144 -14.09 -28.26 9.46
CA LYS E 144 -13.22 -29.40 9.61
C LYS E 144 -11.82 -29.05 9.10
N PRO E 145 -10.81 -29.79 9.54
CA PRO E 145 -9.43 -29.46 9.13
C PRO E 145 -9.29 -29.47 7.62
N PHE E 146 -8.59 -28.46 7.11
CA PHE E 146 -8.31 -28.32 5.68
C PHE E 146 -9.58 -28.48 4.85
N GLU E 147 -10.53 -27.58 5.08
CA GLU E 147 -11.79 -27.55 4.35
C GLU E 147 -12.01 -26.15 3.80
N ARG E 148 -12.61 -26.11 2.60
CA ARG E 148 -12.87 -24.85 1.90
C ARG E 148 -14.38 -24.67 1.74
N ASP E 149 -14.86 -23.48 2.09
CA ASP E 149 -16.26 -23.11 1.94
C ASP E 149 -16.34 -21.79 1.19
N ILE E 150 -17.13 -21.76 0.13
CA ILE E 150 -17.29 -20.57 -0.71
C ILE E 150 -18.73 -20.19 -0.94
N SER E 151 -19.69 -20.98 -0.44
CA SER E 151 -21.10 -20.64 -0.63
C SER E 151 -21.42 -19.33 0.06
N THR E 152 -22.24 -18.51 -0.59
CA THR E 152 -22.64 -17.21 -0.09
C THR E 152 -24.13 -17.16 0.27
N GLU E 153 -24.69 -18.30 0.66
CA GLU E 153 -26.08 -18.34 1.07
C GLU E 153 -26.30 -17.48 2.30
N ILE E 154 -27.47 -16.84 2.36
CA ILE E 154 -27.79 -15.97 3.49
C ILE E 154 -27.90 -16.81 4.75
N TYR E 155 -27.16 -16.42 5.78
CA TYR E 155 -27.11 -17.17 7.03
C TYR E 155 -28.13 -16.59 8.01
N GLN E 156 -29.18 -17.34 8.28
CA GLN E 156 -30.18 -16.92 9.26
C GLN E 156 -29.64 -17.13 10.67
N ALA E 157 -29.90 -16.14 11.53
CA ALA E 157 -29.47 -16.19 12.93
C ALA E 157 -30.60 -16.52 13.88
N GLY E 158 -31.77 -15.90 13.71
CA GLY E 158 -32.91 -16.16 14.54
C GLY E 158 -33.77 -17.30 14.00
N SER E 159 -34.97 -17.41 14.57
CA SER E 159 -35.93 -18.44 14.18
C SER E 159 -36.91 -17.95 13.12
N THR E 160 -36.51 -16.98 12.31
CA THR E 160 -37.37 -16.43 11.25
C THR E 160 -36.71 -16.67 9.90
N PRO E 161 -37.09 -17.73 9.16
CA PRO E 161 -36.49 -17.94 7.85
C PRO E 161 -36.71 -16.75 6.94
N CYS E 162 -35.68 -16.43 6.16
CA CYS E 162 -35.69 -15.24 5.29
C CYS E 162 -35.71 -15.59 3.81
N ASN E 163 -35.89 -16.87 3.47
CA ASN E 163 -35.91 -17.32 2.08
C ASN E 163 -34.81 -16.65 1.25
N GLY E 164 -33.62 -16.55 1.83
CA GLY E 164 -32.47 -16.02 1.11
C GLY E 164 -32.60 -14.56 0.70
N VAL E 165 -33.04 -13.70 1.61
CA VAL E 165 -33.09 -12.26 1.38
C VAL E 165 -32.36 -11.57 2.53
N GLU E 166 -31.41 -10.71 2.19
CA GLU E 166 -30.67 -9.97 3.20
C GLU E 166 -31.59 -8.94 3.87
N GLY E 167 -31.35 -8.73 5.16
CA GLY E 167 -32.16 -7.78 5.91
C GLY E 167 -32.02 -7.94 7.41
N PHE E 168 -33.14 -8.02 8.12
CA PHE E 168 -33.14 -8.14 9.57
C PHE E 168 -32.93 -9.58 9.98
N ASN E 169 -31.95 -9.80 10.85
CA ASN E 169 -31.65 -11.12 11.42
C ASN E 169 -31.24 -12.12 10.35
N CYS E 170 -30.78 -11.65 9.19
CA CYS E 170 -30.33 -12.54 8.12
C CYS E 170 -29.25 -11.78 7.36
N TYR E 171 -27.99 -12.08 7.66
CA TYR E 171 -26.86 -11.31 7.18
C TYR E 171 -26.11 -12.06 6.09
N PHE E 172 -25.36 -11.31 5.29
CA PHE E 172 -24.49 -11.91 4.29
C PHE E 172 -23.29 -12.55 4.98
N PRO E 173 -23.02 -13.84 4.75
CA PRO E 173 -21.97 -14.50 5.55
C PRO E 173 -20.60 -13.85 5.43
N LEU E 174 -20.25 -13.35 4.26
CA LEU E 174 -18.92 -12.78 4.04
C LEU E 174 -18.90 -11.31 4.41
N GLN E 175 -17.75 -10.85 4.90
CA GLN E 175 -17.51 -9.45 5.21
C GLN E 175 -16.16 -9.05 4.64
N SER E 176 -16.12 -7.90 3.97
CA SER E 176 -14.91 -7.44 3.33
C SER E 176 -13.97 -6.79 4.33
N TYR E 177 -12.69 -7.12 4.24
CA TYR E 177 -11.70 -6.50 5.10
C TYR E 177 -11.53 -5.03 4.74
N GLY E 178 -11.58 -4.17 5.76
CA GLY E 178 -11.42 -2.75 5.54
C GLY E 178 -10.00 -2.28 5.71
N PHE E 179 -9.07 -2.87 4.96
CA PHE E 179 -7.67 -2.47 5.06
C PHE E 179 -7.50 -1.02 4.63
N GLN E 180 -6.82 -0.24 5.48
CA GLN E 180 -6.52 1.16 5.18
C GLN E 180 -5.10 1.46 5.64
N PRO E 181 -4.44 2.43 5.01
CA PRO E 181 -3.08 2.79 5.47
C PRO E 181 -3.03 3.23 6.91
N THR E 182 -4.07 3.93 7.39
CA THR E 182 -4.11 4.46 8.75
C THR E 182 -4.62 3.46 9.77
N ASN E 183 -4.61 2.17 9.45
CA ASN E 183 -5.06 1.16 10.38
C ASN E 183 -4.02 0.98 11.50
N GLY E 184 -4.39 0.15 12.47
CA GLY E 184 -3.51 -0.10 13.59
C GLY E 184 -2.25 -0.86 13.18
N VAL E 185 -1.32 -0.94 14.14
CA VAL E 185 -0.06 -1.62 13.87
C VAL E 185 -0.30 -3.09 13.54
N GLY E 186 -1.24 -3.72 14.22
CA GLY E 186 -1.56 -5.11 13.98
C GLY E 186 -2.74 -5.31 13.05
N TYR E 187 -3.47 -4.23 12.76
CA TYR E 187 -4.63 -4.31 11.90
C TYR E 187 -4.29 -4.33 10.42
N GLN E 188 -3.05 -4.03 10.05
CA GLN E 188 -2.67 -4.01 8.65
C GLN E 188 -2.66 -5.43 8.09
N PRO E 189 -2.84 -5.58 6.78
CA PRO E 189 -2.88 -6.92 6.20
C PRO E 189 -1.54 -7.65 6.34
N TYR E 190 -1.62 -8.98 6.38
CA TYR E 190 -0.47 -9.85 6.50
C TYR E 190 -0.68 -11.02 5.55
N ARG E 191 0.27 -11.22 4.65
CA ARG E 191 0.21 -12.36 3.74
C ARG E 191 0.77 -13.59 4.43
N VAL E 192 0.02 -14.68 4.38
CA VAL E 192 0.35 -15.92 5.07
C VAL E 192 0.43 -17.04 4.05
N VAL E 193 1.51 -17.81 4.10
CA VAL E 193 1.71 -18.99 3.28
C VAL E 193 2.01 -20.16 4.20
N VAL E 194 1.17 -21.19 4.14
CA VAL E 194 1.28 -22.35 5.00
C VAL E 194 1.74 -23.53 4.14
N LEU E 195 2.88 -24.11 4.52
CA LEU E 195 3.43 -25.27 3.83
C LEU E 195 3.15 -26.50 4.69
N SER E 196 2.25 -27.36 4.21
CA SER E 196 1.90 -28.60 4.89
C SER E 196 2.71 -29.73 4.25
N PHE E 197 3.63 -30.30 5.03
CA PHE E 197 4.48 -31.40 4.57
C PHE E 197 3.73 -32.71 4.76
N GLU E 198 3.40 -33.37 3.66
CA GLU E 198 2.70 -34.65 3.68
C GLU E 198 3.67 -35.73 3.22
N LEU E 199 3.86 -36.75 4.06
CA LEU E 199 4.77 -37.85 3.77
C LEU E 199 4.07 -39.18 3.97
N LEU E 200 4.28 -40.10 3.03
CA LEU E 200 3.73 -41.45 3.09
C LEU E 200 4.81 -42.41 2.61
N HIS E 201 4.42 -43.65 2.34
CA HIS E 201 5.35 -44.65 1.81
C HIS E 201 5.51 -44.46 0.30
N ALA E 202 5.98 -43.28 -0.06
CA ALA E 202 6.17 -42.89 -1.45
C ALA E 202 7.49 -42.14 -1.56
N PRO E 203 8.05 -42.05 -2.77
CA PRO E 203 9.34 -41.37 -2.93
C PRO E 203 9.29 -39.93 -2.46
N ALA E 204 10.36 -39.49 -1.82
CA ALA E 204 10.46 -38.11 -1.35
C ALA E 204 10.65 -37.17 -2.53
N THR E 205 10.24 -35.91 -2.34
CA THR E 205 10.18 -34.97 -3.46
C THR E 205 10.93 -33.67 -3.24
N VAL E 206 10.90 -33.10 -2.03
CA VAL E 206 11.36 -31.72 -1.85
C VAL E 206 12.28 -31.58 -0.64
N CYS E 207 13.59 -31.77 -0.86
CA CYS E 207 14.63 -31.47 0.11
C CYS E 207 15.75 -30.67 -0.54
N GLY E 208 16.31 -29.75 0.22
CA GLY E 208 17.37 -28.88 -0.27
C GLY E 208 18.74 -29.53 -0.13
N PRO E 209 19.78 -28.71 -0.22
CA PRO E 209 21.15 -29.27 -0.14
C PRO E 209 21.37 -30.00 1.18
N LYS E 210 22.10 -31.10 1.10
CA LYS E 210 22.39 -31.92 2.28
C LYS E 210 23.42 -31.23 3.17
#